data_1A6W
#
_entry.id   1A6W
#
_cell.length_a   72.270
_cell.length_b   83.510
_cell.length_c   40.230
_cell.angle_alpha   90.00
_cell.angle_beta   90.00
_cell.angle_gamma   90.00
#
_symmetry.space_group_name_H-M   'P 21 21 21'
#
loop_
_entity.id
_entity.type
_entity.pdbx_description
1 polymer 'B1-8 FV (LIGHT CHAIN)'
2 polymer 'B1-8 FV (HEAVY CHAIN)'
3 non-polymer '4-HYDROXY-5-IODO-3-NITROPHENYLACETYL-EPSILON-AMINOCAPROIC ACID ANION'
4 water water
#
loop_
_entity_poly.entity_id
_entity_poly.type
_entity_poly.pdbx_seq_one_letter_code
_entity_poly.pdbx_strand_id
1 'polypeptide(L)'
;AVVTQESALTTSPGETVTLTCRSSTGAVTTSNYANWVQEKPDHLFTGLIGGTNNRAPGVPARFSGSLIGNKAALTITGAQ
TEDEAIYFCALWYSNHWVFGGGTKLTVLE
;
L
2 'polypeptide(L)'
;QVQLQQPGAELVKPGASVKLSCKASGYTFTSYWMHWVKQRPGRGLEWIGRIDPNSGGTKYNEKFKSKATLTVDKPSSTAY
MQLSSLTSEDSAVYYCARYDYYGSSYFDYWGQGTTVTVSS
;
H
#
# COMPACT_ATOMS: atom_id res chain seq x y z
N ALA A 1 7.39 2.41 -15.13
CA ALA A 1 6.82 3.73 -14.85
C ALA A 1 7.24 4.20 -13.46
N VAL A 2 7.46 5.51 -13.42
CA VAL A 2 7.84 6.24 -12.20
C VAL A 2 6.62 7.11 -11.82
N VAL A 3 6.20 6.99 -10.56
CA VAL A 3 5.04 7.76 -10.04
C VAL A 3 5.65 8.85 -9.15
N THR A 4 5.28 10.11 -9.42
CA THR A 4 5.83 11.22 -8.66
C THR A 4 4.80 11.97 -7.85
N GLN A 5 5.19 12.31 -6.64
CA GLN A 5 4.36 13.01 -5.65
C GLN A 5 5.18 14.16 -5.09
N GLU A 6 4.54 15.20 -4.59
CA GLU A 6 5.29 16.31 -3.98
C GLU A 6 6.01 15.65 -2.79
N SER A 7 7.20 16.06 -2.45
CA SER A 7 7.96 15.56 -1.34
C SER A 7 7.36 15.83 0.04
N ALA A 8 7.05 17.09 0.26
CA ALA A 8 6.51 17.56 1.55
C ALA A 8 5.61 18.74 1.30
N LEU A 9 4.58 18.93 2.04
CA LEU A 9 3.60 20.02 1.96
C LEU A 9 3.31 20.37 3.44
N THR A 10 3.15 21.66 3.65
CA THR A 10 2.85 22.22 4.97
C THR A 10 1.55 23.01 4.87
N THR A 11 0.72 22.75 5.86
CA THR A 11 -0.57 23.47 5.92
C THR A 11 -0.79 23.82 7.39
N SER A 12 -1.89 24.48 7.63
CA SER A 12 -2.37 24.92 8.94
C SER A 12 -3.77 24.35 9.08
N PRO A 13 -4.16 24.21 10.34
CA PRO A 13 -5.48 23.66 10.66
C PRO A 13 -6.56 24.50 10.01
N GLY A 14 -7.56 23.89 9.42
CA GLY A 14 -8.67 24.51 8.74
C GLY A 14 -8.44 24.85 7.28
N GLU A 15 -7.23 24.81 6.76
CA GLU A 15 -6.97 25.09 5.34
C GLU A 15 -7.35 23.95 4.43
N THR A 16 -7.45 24.27 3.13
CA THR A 16 -7.75 23.25 2.11
C THR A 16 -6.40 22.92 1.43
N VAL A 17 -6.07 21.66 1.28
CA VAL A 17 -4.80 21.29 0.66
C VAL A 17 -5.01 20.20 -0.38
N THR A 18 -4.22 20.25 -1.45
CA THR A 18 -4.31 19.25 -2.52
C THR A 18 -2.93 18.63 -2.79
N LEU A 19 -2.91 17.30 -2.85
CA LEU A 19 -1.72 16.49 -3.11
C LEU A 19 -1.86 15.84 -4.49
N THR A 20 -0.78 15.76 -5.28
CA THR A 20 -0.92 15.16 -6.62
C THR A 20 0.00 13.94 -6.79
N CYS A 21 -0.44 13.19 -7.79
CA CYS A 21 0.15 11.92 -8.22
C CYS A 21 0.34 11.94 -9.73
N ARG A 22 1.58 12.08 -10.17
CA ARG A 22 1.84 12.09 -11.62
C ARG A 22 2.54 10.83 -12.13
N SER A 23 2.13 10.46 -13.32
CA SER A 23 2.69 9.30 -14.03
C SER A 23 3.76 9.71 -15.03
N SER A 24 4.77 8.87 -15.12
CA SER A 24 5.93 9.01 -16.00
C SER A 24 5.53 8.86 -17.48
N THR A 25 4.65 7.93 -17.69
CA THR A 25 4.11 7.56 -18.97
C THR A 25 3.00 8.38 -19.57
N GLY A 26 2.60 9.49 -18.98
CA GLY A 26 1.50 10.26 -19.60
C GLY A 26 0.41 10.59 -18.57
N ALA A 27 -0.77 10.88 -19.10
CA ALA A 27 -1.85 11.25 -18.21
C ALA A 27 -2.31 10.12 -17.30
N VAL A 28 -2.71 10.47 -16.08
CA VAL A 28 -3.29 9.45 -15.19
C VAL A 28 -4.75 9.38 -15.63
N THR A 29 -5.28 8.22 -15.92
CA THR A 29 -6.68 8.10 -16.32
C THR A 29 -7.41 7.26 -15.29
N THR A 30 -8.67 6.92 -15.51
CA THR A 30 -9.43 6.08 -14.59
C THR A 30 -9.01 4.62 -14.69
N SER A 31 -8.28 4.21 -15.74
CA SER A 31 -7.73 2.87 -15.97
C SER A 31 -6.54 2.63 -15.07
N ASN A 32 -5.98 3.57 -14.34
CA ASN A 32 -4.88 3.45 -13.40
C ASN A 32 -5.44 3.18 -11.98
N TYR A 33 -6.75 3.17 -11.75
CA TYR A 33 -7.36 2.94 -10.42
C TYR A 33 -6.60 3.59 -9.28
N ALA A 34 -6.34 4.88 -9.31
CA ALA A 34 -5.55 5.62 -8.34
C ALA A 34 -6.01 5.31 -6.91
N ASN A 35 -5.02 4.98 -6.11
CA ASN A 35 -5.24 4.67 -4.69
C ASN A 35 -4.49 5.70 -3.86
N TRP A 36 -5.13 6.05 -2.75
CA TRP A 36 -4.48 7.00 -1.80
C TRP A 36 -4.41 6.23 -0.47
N VAL A 37 -3.23 6.15 0.09
CA VAL A 37 -3.08 5.36 1.37
C VAL A 37 -2.41 6.27 2.36
N GLN A 38 -2.79 6.17 3.61
CA GLN A 38 -2.16 7.03 4.65
C GLN A 38 -1.34 6.24 5.69
N GLU A 39 -0.14 6.70 5.92
CA GLU A 39 0.75 6.12 6.91
C GLU A 39 0.89 7.09 8.10
N LYS A 40 0.40 6.66 9.23
CA LYS A 40 0.46 7.43 10.49
C LYS A 40 1.59 6.89 11.35
N PRO A 41 2.13 7.66 12.31
CA PRO A 41 3.22 7.20 13.15
C PRO A 41 2.90 5.86 13.72
N ASP A 42 3.96 5.09 13.72
CA ASP A 42 3.99 3.71 14.18
C ASP A 42 3.70 2.77 13.01
N HIS A 43 4.05 3.09 11.77
CA HIS A 43 3.78 2.20 10.63
C HIS A 43 2.35 1.73 10.51
N LEU A 44 1.40 2.63 10.70
CA LEU A 44 -0.02 2.38 10.66
C LEU A 44 -0.53 2.89 9.33
N PHE A 45 -0.92 1.95 8.51
CA PHE A 45 -1.44 2.21 7.16
C PHE A 45 -2.95 2.06 7.09
N THR A 46 -3.58 3.03 6.41
CA THR A 46 -5.04 2.90 6.18
C THR A 46 -5.31 3.35 4.74
N GLY A 47 -6.17 2.68 4.03
CA GLY A 47 -6.55 2.98 2.65
C GLY A 47 -7.61 4.07 2.70
N LEU A 48 -7.40 5.17 1.97
CA LEU A 48 -8.38 6.26 1.98
C LEU A 48 -9.30 6.29 0.77
N ILE A 49 -8.64 6.28 -0.37
CA ILE A 49 -9.25 6.34 -1.68
C ILE A 49 -8.75 5.20 -2.58
N GLY A 50 -9.68 4.65 -3.33
CA GLY A 50 -9.42 3.58 -4.31
C GLY A 50 -10.21 3.88 -5.57
N GLY A 51 -9.78 3.34 -6.69
CA GLY A 51 -10.42 3.54 -8.00
C GLY A 51 -10.72 5.06 -8.29
N THR A 52 -9.69 5.88 -8.10
CA THR A 52 -9.69 7.36 -8.37
C THR A 52 -10.45 8.19 -7.30
N ASN A 53 -11.71 7.91 -7.09
CA ASN A 53 -12.55 8.69 -6.18
C ASN A 53 -13.43 7.93 -5.21
N ASN A 54 -13.29 6.64 -4.97
CA ASN A 54 -14.15 5.91 -4.02
C ASN A 54 -13.50 6.03 -2.62
N ARG A 55 -14.23 6.64 -1.71
CA ARG A 55 -13.71 6.81 -0.36
C ARG A 55 -13.99 5.52 0.43
N ALA A 56 -13.06 5.05 1.21
CA ALA A 56 -13.22 3.82 2.01
C ALA A 56 -14.14 4.16 3.17
N PRO A 57 -14.87 3.13 3.62
CA PRO A 57 -15.83 3.24 4.74
C PRO A 57 -15.05 3.72 5.95
N GLY A 58 -15.63 4.67 6.67
CA GLY A 58 -14.94 5.20 7.86
C GLY A 58 -14.03 6.38 7.66
N VAL A 59 -13.67 6.72 6.44
CA VAL A 59 -12.79 7.87 6.17
C VAL A 59 -13.65 9.12 6.30
N PRO A 60 -13.16 10.16 6.97
CA PRO A 60 -13.96 11.39 7.09
C PRO A 60 -14.28 11.94 5.72
N ALA A 61 -15.38 12.67 5.63
CA ALA A 61 -15.84 13.22 4.34
C ALA A 61 -14.91 14.34 3.78
N ARG A 62 -13.99 14.89 4.58
CA ARG A 62 -13.10 16.01 4.11
C ARG A 62 -11.99 15.52 3.12
N PHE A 63 -11.88 14.20 2.94
CA PHE A 63 -10.95 13.60 1.96
C PHE A 63 -11.73 13.30 0.68
N SER A 64 -11.14 13.77 -0.43
CA SER A 64 -11.80 13.52 -1.73
C SER A 64 -10.72 13.31 -2.81
N GLY A 65 -10.98 12.33 -3.67
CA GLY A 65 -9.99 12.10 -4.75
C GLY A 65 -10.63 12.49 -6.09
N SER A 66 -9.80 12.92 -7.01
CA SER A 66 -10.26 13.29 -8.35
C SER A 66 -9.08 13.31 -9.30
N LEU A 67 -9.36 13.62 -10.55
CA LEU A 67 -8.28 13.75 -11.57
C LEU A 67 -8.22 15.26 -11.87
N ILE A 68 -7.13 15.91 -11.63
CA ILE A 68 -6.97 17.33 -11.91
C ILE A 68 -5.89 17.38 -12.99
N GLY A 69 -6.26 17.88 -14.15
N GLY A 69 -6.15 17.93 -14.18
CA GLY A 69 -5.40 17.99 -15.32
CA GLY A 69 -5.17 18.03 -15.26
C GLY A 69 -5.05 16.58 -15.83
C GLY A 69 -4.17 16.99 -15.57
N ASN A 70 -3.81 16.26 -15.73
N ASN A 70 -4.62 15.77 -15.87
CA ASN A 70 -3.20 14.98 -16.17
CA ASN A 70 -3.70 14.65 -16.20
C ASN A 70 -2.51 14.38 -14.89
C ASN A 70 -3.01 14.02 -14.98
N LYS A 71 -3.28 14.41 -13.75
CA LYS A 71 -2.77 13.89 -12.49
C LYS A 71 -3.94 13.42 -11.59
N ALA A 72 -3.64 12.46 -10.71
CA ALA A 72 -4.56 11.96 -9.67
C ALA A 72 -4.33 12.97 -8.51
N ALA A 73 -5.37 13.37 -7.80
CA ALA A 73 -5.23 14.37 -6.72
C ALA A 73 -6.05 13.98 -5.49
N LEU A 74 -5.47 14.28 -4.35
CA LEU A 74 -6.10 14.04 -3.07
C LEU A 74 -6.27 15.44 -2.44
N THR A 75 -7.50 15.81 -2.18
CA THR A 75 -7.85 17.07 -1.55
C THR A 75 -8.42 16.83 -0.17
N ILE A 76 -7.88 17.56 0.78
CA ILE A 76 -8.27 17.57 2.18
C ILE A 76 -8.90 18.97 2.48
N THR A 77 -10.21 18.94 2.70
CA THR A 77 -10.92 20.21 2.98
C THR A 77 -11.01 20.52 4.47
N GLY A 78 -10.23 21.47 4.95
CA GLY A 78 -10.34 21.75 6.40
C GLY A 78 -9.44 20.76 7.16
N ALA A 79 -8.16 20.82 6.85
CA ALA A 79 -7.13 19.93 7.44
C ALA A 79 -7.11 20.05 8.98
N GLN A 80 -7.00 18.90 9.61
CA GLN A 80 -6.94 18.77 11.07
C GLN A 80 -5.56 18.22 11.49
N THR A 81 -5.18 18.36 12.74
CA THR A 81 -3.87 17.89 13.27
C THR A 81 -3.69 16.37 13.03
N GLU A 82 -4.80 15.68 13.17
CA GLU A 82 -4.86 14.20 12.99
C GLU A 82 -4.52 13.81 11.53
N ASP A 83 -4.53 14.77 10.63
CA ASP A 83 -4.20 14.52 9.25
C ASP A 83 -2.69 14.60 8.98
N GLU A 84 -1.87 14.97 9.92
CA GLU A 84 -0.41 15.00 9.75
C GLU A 84 -0.02 13.52 9.58
N ALA A 85 0.62 13.19 8.46
CA ALA A 85 1.02 11.86 8.04
C ALA A 85 1.73 11.86 6.69
N ILE A 86 2.05 10.66 6.22
CA ILE A 86 2.64 10.44 4.90
C ILE A 86 1.54 9.82 4.03
N TYR A 87 1.33 10.46 2.88
CA TYR A 87 0.30 10.01 1.92
C TYR A 87 1.00 9.45 0.69
N PHE A 88 0.64 8.24 0.35
CA PHE A 88 1.20 7.52 -0.79
C PHE A 88 0.05 7.32 -1.79
N CYS A 89 0.42 7.48 -3.07
CA CYS A 89 -0.55 7.23 -4.12
C CYS A 89 0.05 5.97 -4.81
N ALA A 90 -0.80 5.23 -5.46
CA ALA A 90 -0.44 4.01 -6.22
C ALA A 90 -1.26 3.98 -7.51
N LEU A 91 -0.59 3.66 -8.61
CA LEU A 91 -1.18 3.56 -9.95
C LEU A 91 -1.02 2.15 -10.52
N TRP A 92 -2.10 1.68 -11.14
CA TRP A 92 -2.18 0.36 -11.76
C TRP A 92 -1.84 0.54 -13.26
N TYR A 93 -0.87 -0.26 -13.67
CA TYR A 93 -0.39 -0.28 -15.04
C TYR A 93 -0.53 -1.69 -15.68
N SER A 94 -1.77 -2.07 -15.93
CA SER A 94 -2.16 -3.32 -16.63
C SER A 94 -1.79 -4.65 -15.93
N ASN A 95 -0.65 -4.87 -15.31
CA ASN A 95 -0.21 -6.07 -14.63
C ASN A 95 0.62 -5.78 -13.37
N HIS A 96 0.69 -4.50 -12.94
CA HIS A 96 1.46 -4.23 -11.72
C HIS A 96 1.14 -2.88 -11.10
N TRP A 97 1.35 -2.77 -9.79
CA TRP A 97 1.11 -1.53 -9.07
C TRP A 97 2.45 -0.82 -8.93
N VAL A 98 2.47 0.50 -9.03
CA VAL A 98 3.67 1.31 -8.82
C VAL A 98 3.22 2.37 -7.76
N PHE A 99 3.94 2.47 -6.68
CA PHE A 99 3.68 3.43 -5.61
C PHE A 99 4.50 4.71 -5.83
N GLY A 100 3.93 5.85 -5.46
CA GLY A 100 4.70 7.12 -5.56
C GLY A 100 5.60 7.09 -4.32
N GLY A 101 6.49 8.07 -4.22
CA GLY A 101 7.45 8.25 -3.15
C GLY A 101 6.88 8.75 -1.80
N GLY A 102 5.60 9.09 -1.80
CA GLY A 102 4.89 9.56 -0.60
C GLY A 102 5.08 11.07 -0.40
N THR A 103 4.10 11.71 0.21
CA THR A 103 4.16 13.14 0.54
C THR A 103 4.02 13.25 2.07
N LYS A 104 4.95 13.88 2.71
CA LYS A 104 4.92 14.16 4.14
C LYS A 104 4.08 15.44 4.31
N LEU A 105 2.89 15.32 4.89
CA LEU A 105 2.03 16.45 5.13
C LEU A 105 2.21 16.93 6.57
N THR A 106 2.67 18.17 6.74
CA THR A 106 2.85 18.76 8.05
C THR A 106 1.66 19.71 8.30
N VAL A 107 1.00 19.54 9.41
CA VAL A 107 -0.13 20.46 9.77
C VAL A 107 0.45 21.33 10.89
N LEU A 108 0.78 22.58 10.67
CA LEU A 108 1.35 23.34 11.77
C LEU A 108 0.40 23.79 12.90
N GLU A 109 0.52 23.30 14.09
CA GLU A 109 -0.28 23.70 15.25
C GLU A 109 0.68 24.63 16.03
N GLN B 1 -13.49 -5.28 13.15
CA GLN B 1 -14.01 -6.53 12.59
C GLN B 1 -12.98 -7.11 11.65
N VAL B 2 -12.67 -6.42 10.57
CA VAL B 2 -11.63 -6.90 9.65
C VAL B 2 -10.27 -6.66 10.31
N GLN B 3 -9.52 -7.75 10.27
CA GLN B 3 -8.17 -7.75 10.87
C GLN B 3 -7.16 -8.60 10.10
N LEU B 4 -6.01 -8.00 9.82
CA LEU B 4 -4.93 -8.71 9.11
C LEU B 4 -3.83 -8.82 10.17
N GLN B 5 -3.59 -10.06 10.60
CA GLN B 5 -2.55 -10.20 11.66
C GLN B 5 -1.23 -10.74 11.12
N GLN B 6 -0.17 -10.04 11.41
CA GLN B 6 1.17 -10.39 11.03
C GLN B 6 2.07 -10.40 12.27
N PRO B 7 2.98 -11.38 12.32
CA PRO B 7 3.92 -11.46 13.43
C PRO B 7 4.80 -10.23 13.40
N GLY B 8 5.33 -9.80 14.52
CA GLY B 8 6.17 -8.62 14.58
C GLY B 8 7.49 -8.49 13.86
N ALA B 9 8.31 -9.53 13.89
CA ALA B 9 9.64 -9.48 13.33
C ALA B 9 10.26 -10.83 13.04
N GLU B 10 11.33 -10.72 12.25
CA GLU B 10 12.09 -11.91 11.84
C GLU B 10 13.55 -11.50 11.86
N LEU B 11 14.37 -12.15 12.65
CA LEU B 11 15.82 -11.84 12.68
C LEU B 11 16.44 -13.09 12.04
N VAL B 12 16.96 -12.96 10.84
CA VAL B 12 17.55 -14.02 10.03
C VAL B 12 18.94 -13.65 9.46
N LYS B 13 19.61 -14.72 9.07
CA LYS B 13 20.97 -14.66 8.53
C LYS B 13 21.01 -14.53 7.02
N PRO B 14 22.06 -13.83 6.59
CA PRO B 14 22.29 -13.57 5.15
C PRO B 14 22.29 -14.91 4.43
N GLY B 15 21.58 -15.01 3.33
CA GLY B 15 21.49 -16.24 2.56
C GLY B 15 20.38 -17.13 3.04
N ALA B 16 19.65 -16.92 4.12
CA ALA B 16 18.57 -17.83 4.54
C ALA B 16 17.29 -17.54 3.76
N SER B 17 16.22 -18.14 4.15
CA SER B 17 14.89 -17.96 3.55
C SER B 17 13.95 -17.67 4.75
N VAL B 18 12.88 -16.92 4.54
CA VAL B 18 11.86 -16.70 5.60
C VAL B 18 10.48 -16.87 5.02
N LYS B 19 9.59 -17.32 5.85
CA LYS B 19 8.20 -17.43 5.44
C LYS B 19 7.39 -16.46 6.26
N LEU B 20 6.75 -15.50 5.60
CA LEU B 20 5.92 -14.50 6.33
C LEU B 20 4.48 -14.92 6.24
N SER B 21 3.75 -14.69 7.34
CA SER B 21 2.33 -15.07 7.41
C SER B 21 1.46 -13.82 7.67
N CYS B 22 0.26 -13.87 7.15
CA CYS B 22 -0.72 -12.79 7.26
C CYS B 22 -2.05 -13.46 7.45
N LYS B 23 -2.50 -13.46 8.70
CA LYS B 23 -3.77 -14.16 9.00
C LYS B 23 -4.93 -13.18 8.96
N ALA B 24 -5.89 -13.55 8.14
CA ALA B 24 -7.09 -12.73 7.95
C ALA B 24 -8.29 -13.12 8.80
N SER B 25 -8.94 -12.13 9.37
CA SER B 25 -10.16 -12.45 10.13
C SER B 25 -11.19 -11.34 9.94
N GLY B 26 -12.42 -11.75 10.09
CA GLY B 26 -13.55 -10.82 10.04
C GLY B 26 -14.19 -10.62 8.70
N TYR B 27 -13.89 -11.49 7.76
CA TYR B 27 -14.46 -11.36 6.40
C TYR B 27 -14.21 -12.67 5.68
N THR B 28 -14.87 -12.88 4.58
CA THR B 28 -14.67 -14.11 3.80
C THR B 28 -13.36 -13.96 3.05
N PHE B 29 -12.33 -14.66 3.43
CA PHE B 29 -10.98 -14.62 2.87
C PHE B 29 -10.85 -14.71 1.35
N THR B 30 -11.59 -15.57 0.67
CA THR B 30 -11.52 -15.76 -0.76
C THR B 30 -12.19 -14.68 -1.59
N SER B 31 -12.89 -13.75 -1.05
CA SER B 31 -13.61 -12.70 -1.75
C SER B 31 -12.80 -11.45 -2.00
N TYR B 32 -11.61 -11.32 -1.44
CA TYR B 32 -10.76 -10.13 -1.57
C TYR B 32 -9.37 -10.61 -1.97
N TRP B 33 -8.63 -9.75 -2.69
CA TRP B 33 -7.26 -10.11 -3.12
C TRP B 33 -6.29 -9.69 -2.04
N MET B 34 -5.15 -10.32 -1.93
CA MET B 34 -4.16 -10.04 -0.90
C MET B 34 -2.88 -9.62 -1.57
N HIS B 35 -2.30 -8.51 -1.18
CA HIS B 35 -1.08 -7.99 -1.76
C HIS B 35 0.00 -7.91 -0.72
N TRP B 36 1.24 -7.83 -1.13
CA TRP B 36 2.42 -7.76 -0.29
C TRP B 36 3.23 -6.57 -0.77
N VAL B 37 3.61 -5.74 0.19
CA VAL B 37 4.33 -4.47 -0.02
C VAL B 37 5.56 -4.37 0.86
N LYS B 38 6.65 -3.85 0.32
CA LYS B 38 7.88 -3.69 1.05
C LYS B 38 8.17 -2.22 1.33
N GLN B 39 8.63 -1.94 2.54
CA GLN B 39 8.96 -0.59 2.93
C GLN B 39 10.38 -0.54 3.47
N ARG B 40 11.17 0.34 2.90
CA ARG B 40 12.57 0.52 3.37
C ARG B 40 12.71 1.99 3.74
N PRO B 41 13.50 2.27 4.78
CA PRO B 41 13.73 3.63 5.22
C PRO B 41 13.93 4.56 4.03
N GLY B 42 13.12 5.58 3.92
CA GLY B 42 13.23 6.53 2.84
C GLY B 42 13.15 6.08 1.42
N ARG B 43 12.79 4.84 1.10
CA ARG B 43 12.69 4.35 -0.28
C ARG B 43 11.26 4.10 -0.77
N GLY B 44 10.36 4.66 0.01
CA GLY B 44 8.90 4.59 -0.23
C GLY B 44 8.48 3.12 -0.13
N LEU B 45 7.45 2.76 -0.85
CA LEU B 45 6.87 1.44 -0.92
C LEU B 45 7.18 0.79 -2.26
N GLU B 46 7.28 -0.51 -2.24
CA GLU B 46 7.52 -1.32 -3.43
C GLU B 46 6.46 -2.44 -3.40
N TRP B 47 5.77 -2.63 -4.47
CA TRP B 47 4.76 -3.67 -4.61
C TRP B 47 5.57 -4.92 -4.96
N ILE B 48 5.24 -6.01 -4.28
CA ILE B 48 5.91 -7.31 -4.50
C ILE B 48 5.00 -8.10 -5.42
N GLY B 49 3.73 -8.21 -5.06
CA GLY B 49 2.83 -9.01 -5.90
C GLY B 49 1.55 -9.25 -5.12
N ARG B 50 0.64 -9.97 -5.72
CA ARG B 50 -0.64 -10.22 -5.11
C ARG B 50 -1.09 -11.65 -5.38
N ILE B 51 -2.06 -12.08 -4.62
CA ILE B 51 -2.62 -13.41 -4.82
C ILE B 51 -4.11 -13.35 -4.67
N ASP B 52 -4.77 -14.06 -5.55
CA ASP B 52 -6.19 -14.24 -5.43
C ASP B 52 -6.34 -15.50 -4.62
N PRO B 53 -6.84 -15.42 -3.40
CA PRO B 53 -6.95 -16.56 -2.50
C PRO B 53 -7.93 -17.62 -2.94
N ASN B 54 -8.91 -17.29 -3.75
CA ASN B 54 -9.88 -18.25 -4.26
C ASN B 54 -9.25 -19.17 -5.28
N SER B 55 -8.43 -18.68 -6.17
CA SER B 55 -7.88 -19.58 -7.21
C SER B 55 -6.44 -19.89 -7.02
N GLY B 56 -5.74 -19.13 -6.22
CA GLY B 56 -4.31 -19.27 -6.00
C GLY B 56 -3.48 -18.53 -7.05
N GLY B 57 -4.08 -17.82 -8.00
CA GLY B 57 -3.44 -17.06 -9.07
C GLY B 57 -2.64 -15.90 -8.52
N THR B 58 -1.40 -15.84 -8.97
CA THR B 58 -0.45 -14.81 -8.55
C THR B 58 -0.06 -13.91 -9.73
N LYS B 59 0.50 -12.78 -9.39
CA LYS B 59 1.00 -11.77 -10.30
C LYS B 59 2.08 -11.10 -9.47
N TYR B 60 3.27 -10.96 -10.00
CA TYR B 60 4.39 -10.36 -9.31
C TYR B 60 5.03 -9.18 -10.01
N ASN B 61 5.64 -8.34 -9.21
CA ASN B 61 6.47 -7.27 -9.76
C ASN B 61 7.69 -8.03 -10.30
N GLU B 62 8.04 -7.79 -11.56
CA GLU B 62 9.11 -8.56 -12.23
C GLU B 62 10.42 -8.56 -11.43
N LYS B 63 10.77 -7.54 -10.69
CA LYS B 63 11.93 -7.46 -9.84
C LYS B 63 11.91 -8.53 -8.72
N PHE B 64 10.78 -9.01 -8.23
CA PHE B 64 10.64 -9.99 -7.16
C PHE B 64 10.29 -11.40 -7.60
N LYS B 65 10.17 -11.62 -8.90
CA LYS B 65 9.81 -12.90 -9.55
C LYS B 65 10.68 -14.10 -9.14
N SER B 66 11.96 -13.91 -8.98
CA SER B 66 12.92 -14.93 -8.58
C SER B 66 13.25 -14.91 -7.11
N LYS B 67 12.57 -14.08 -6.36
CA LYS B 67 12.79 -13.93 -4.92
C LYS B 67 11.61 -14.32 -4.03
N ALA B 68 10.41 -14.08 -4.51
CA ALA B 68 9.23 -14.32 -3.71
C ALA B 68 8.28 -15.35 -4.25
N THR B 69 7.66 -16.06 -3.34
CA THR B 69 6.65 -17.09 -3.57
C THR B 69 5.47 -16.80 -2.61
N LEU B 70 4.33 -16.59 -3.25
CA LEU B 70 3.08 -16.34 -2.56
C LEU B 70 2.17 -17.55 -2.66
N THR B 71 1.61 -17.91 -1.54
CA THR B 71 0.68 -19.01 -1.41
C THR B 71 -0.34 -18.62 -0.34
N VAL B 72 -1.43 -19.37 -0.29
CA VAL B 72 -2.47 -19.19 0.72
C VAL B 72 -2.82 -20.62 1.23
N ASP B 73 -3.41 -20.61 2.39
CA ASP B 73 -3.97 -21.75 3.12
C ASP B 73 -5.42 -21.31 3.37
N LYS B 74 -6.30 -21.79 2.53
CA LYS B 74 -7.73 -21.43 2.66
C LYS B 74 -8.36 -21.84 3.99
N PRO B 75 -8.26 -23.10 4.49
CA PRO B 75 -8.88 -23.52 5.76
C PRO B 75 -8.54 -22.64 6.93
N SER B 76 -7.31 -22.15 7.00
CA SER B 76 -6.89 -21.29 8.14
C SER B 76 -6.95 -19.80 7.76
N SER B 77 -7.31 -19.51 6.54
CA SER B 77 -7.41 -18.19 5.92
C SER B 77 -6.14 -17.34 6.22
N THR B 78 -5.00 -17.93 5.85
CA THR B 78 -3.67 -17.30 6.02
C THR B 78 -3.00 -17.20 4.66
N ALA B 79 -2.39 -16.03 4.47
CA ALA B 79 -1.64 -15.77 3.24
C ALA B 79 -0.17 -15.84 3.64
N TYR B 80 0.63 -16.43 2.74
CA TYR B 80 2.07 -16.53 3.05
C TYR B 80 2.93 -15.96 1.94
N MET B 81 4.07 -15.46 2.31
CA MET B 81 5.07 -14.95 1.40
C MET B 81 6.42 -15.58 1.82
N GLN B 82 7.04 -16.32 0.90
CA GLN B 82 8.36 -16.88 1.20
C GLN B 82 9.40 -16.02 0.46
N LEU B 83 10.47 -15.59 1.06
CA LEU B 83 11.57 -14.82 0.49
C LEU B 83 12.84 -15.70 0.58
N SER B 84 13.50 -15.91 -0.55
CA SER B 84 14.72 -16.76 -0.49
C SER B 84 15.98 -15.96 -0.76
N SER B 85 17.08 -16.59 -0.41
CA SER B 85 18.46 -16.09 -0.53
C SER B 85 18.54 -14.66 -0.05
N LEU B 86 18.26 -14.43 1.23
CA LEU B 86 18.22 -13.07 1.75
C LEU B 86 19.56 -12.39 1.82
N THR B 87 19.49 -11.08 1.53
CA THR B 87 20.67 -10.22 1.63
C THR B 87 20.23 -9.00 2.44
N SER B 88 21.16 -8.11 2.74
CA SER B 88 20.90 -6.87 3.49
C SER B 88 19.79 -6.02 2.81
N GLU B 89 19.77 -5.98 1.49
CA GLU B 89 18.75 -5.21 0.71
C GLU B 89 17.29 -5.72 1.01
N ASP B 90 17.20 -6.90 1.61
CA ASP B 90 15.90 -7.54 1.95
C ASP B 90 15.39 -7.07 3.34
N SER B 91 16.24 -6.42 4.11
CA SER B 91 15.82 -5.89 5.41
C SER B 91 14.83 -4.75 5.18
N ALA B 92 13.61 -4.96 5.65
CA ALA B 92 12.51 -4.01 5.45
C ALA B 92 11.31 -4.44 6.29
N VAL B 93 10.28 -3.63 6.23
CA VAL B 93 9.00 -3.93 6.86
C VAL B 93 8.14 -4.41 5.70
N TYR B 94 7.51 -5.57 5.84
CA TYR B 94 6.65 -6.16 4.83
C TYR B 94 5.21 -6.16 5.29
N TYR B 95 4.31 -5.60 4.51
CA TYR B 95 2.90 -5.56 4.85
C TYR B 95 2.07 -6.45 3.95
N CYS B 96 0.98 -6.96 4.47
CA CYS B 96 -0.01 -7.67 3.67
C CYS B 96 -1.14 -6.61 3.62
N ALA B 97 -1.89 -6.57 2.56
CA ALA B 97 -2.97 -5.59 2.38
C ALA B 97 -4.05 -6.20 1.51
N ARG B 98 -5.27 -6.08 1.94
CA ARG B 98 -6.47 -6.58 1.28
C ARG B 98 -6.81 -5.55 0.20
N TYR B 99 -7.32 -6.05 -0.91
CA TYR B 99 -7.68 -5.18 -2.05
C TYR B 99 -9.07 -5.56 -2.51
N ASP B 100 -9.94 -4.57 -2.54
CA ASP B 100 -11.35 -4.81 -2.96
C ASP B 100 -11.53 -4.81 -4.49
N TYR B 101 -11.20 -5.92 -5.10
CA TYR B 101 -11.24 -6.17 -6.53
C TYR B 101 -12.64 -6.12 -7.10
N TYR B 102 -13.58 -6.78 -6.44
CA TYR B 102 -14.97 -6.83 -6.91
C TYR B 102 -15.79 -5.64 -6.45
N GLY B 103 -15.24 -4.78 -5.59
CA GLY B 103 -16.01 -3.64 -5.09
C GLY B 103 -15.50 -2.32 -5.61
N SER B 104 -14.89 -1.59 -4.72
CA SER B 104 -14.40 -0.25 -5.02
C SER B 104 -12.95 0.02 -5.31
N SER B 105 -12.15 -1.01 -5.51
CA SER B 105 -10.74 -0.88 -5.86
C SER B 105 -9.79 -0.11 -4.99
N TYR B 106 -9.87 -0.32 -3.69
CA TYR B 106 -8.96 0.28 -2.74
C TYR B 106 -8.27 -0.89 -1.97
N PHE B 107 -7.15 -0.52 -1.42
CA PHE B 107 -6.31 -1.28 -0.50
C PHE B 107 -6.90 -0.83 0.87
N ASP B 108 -8.05 -1.31 1.29
CA ASP B 108 -8.68 -0.80 2.53
C ASP B 108 -8.00 -1.18 3.83
N TYR B 109 -7.75 -2.40 4.13
CA TYR B 109 -7.15 -2.88 5.38
C TYR B 109 -5.77 -3.46 5.20
N TRP B 110 -4.87 -3.00 6.06
CA TRP B 110 -3.45 -3.33 6.09
C TRP B 110 -3.08 -4.03 7.41
N GLY B 111 -2.15 -4.99 7.30
CA GLY B 111 -1.63 -5.70 8.48
C GLY B 111 -0.70 -4.65 9.08
N GLN B 112 -0.12 -4.93 10.22
CA GLN B 112 0.79 -4.07 10.97
C GLN B 112 2.21 -4.16 10.46
N GLY B 113 2.53 -5.16 9.66
CA GLY B 113 3.87 -5.30 9.06
C GLY B 113 4.79 -6.12 9.95
N THR B 114 5.64 -6.89 9.25
CA THR B 114 6.66 -7.72 9.91
C THR B 114 8.02 -7.10 9.62
N THR B 115 8.79 -6.74 10.61
CA THR B 115 10.11 -6.19 10.36
C THR B 115 11.11 -7.34 10.17
N VAL B 116 11.72 -7.43 8.99
CA VAL B 116 12.73 -8.46 8.68
C VAL B 116 14.09 -7.80 8.76
N THR B 117 14.99 -8.28 9.59
CA THR B 117 16.36 -7.75 9.70
C THR B 117 17.27 -8.90 9.29
N VAL B 118 18.05 -8.67 8.24
CA VAL B 118 18.99 -9.70 7.73
C VAL B 118 20.34 -9.31 8.35
N SER B 119 20.82 -10.15 9.25
CA SER B 119 22.09 -9.76 9.90
C SER B 119 22.82 -11.01 10.30
N SER B 120 24.12 -10.82 10.42
CA SER B 120 25.04 -11.91 10.78
C SER B 120 25.12 -12.00 12.27
#